data_3E3X
#
_entry.id   3E3X
#
_cell.length_a   90.600
_cell.length_b   104.571
_cell.length_c   74.348
_cell.angle_alpha   90.00
_cell.angle_beta   90.00
_cell.angle_gamma   90.00
#
_symmetry.space_group_name_H-M   'C 2 2 21'
#
loop_
_entity.id
_entity.type
_entity.pdbx_description
1 polymer BipA
2 non-polymer 1,2-ETHANEDIOL
3 non-polymer 'SULFATE ION'
4 water water
#
_entity_poly.entity_id   1
_entity_poly.type   'polypeptide(L)'
_entity_poly.pdbx_seq_one_letter_code
;SNATGLGELKISDTICAQNAVEALPALSVDEPTVT(MSE)TFQVNTSPFAG(MLZ)EG(MLY)FVTSRNILERLEKELVH
NVALRVEQTDDPDKFRVSGRGELHLSILIEN(MSE)RREGFELAVSRPEVII(MLZ)EEDGQL(MSE)EPFETVTIDV
(MSE)EEHQGGI(MSE)ENIGLR(MLY)GEL(MLY)D(MSE)APDGKGRVR(MSE)DFI(MSE)PSRGLIGFQTEF
(MSE)TLTSGSGLLYHTFDHYGPH(MLY)GGNIGQRVNGVLIANAAGKALTNALFNLQERGRLFIGHGVEVYEG(MSE)V
IGIHSRDNDLTVNALKGKQLTNVRASGTDDAQVLTPPIV(MSE)TLEQALEFIDDDELVEVTPESIRIRK(MLY)FLTES
DR(MLY)RASRSAK
;
_entity_poly.pdbx_strand_id   A
#
loop_
_chem_comp.id
_chem_comp.type
_chem_comp.name
_chem_comp.formula
EDO non-polymer 1,2-ETHANEDIOL 'C2 H6 O2'
SO4 non-polymer 'SULFATE ION' 'O4 S -2'
#
# COMPACT_ATOMS: atom_id res chain seq x y z
N VAL A 29 21.30 -4.75 -9.38
CA VAL A 29 21.74 -3.31 -9.28
C VAL A 29 20.93 -2.43 -10.26
N ASP A 30 20.83 -2.92 -11.49
CA ASP A 30 19.70 -2.61 -12.32
C ASP A 30 18.43 -3.25 -11.71
N GLU A 31 18.58 -4.44 -11.15
CA GLU A 31 17.47 -5.38 -11.04
C GLU A 31 16.38 -4.98 -9.99
N PRO A 32 15.14 -5.09 -10.36
CA PRO A 32 14.09 -4.71 -9.42
C PRO A 32 13.84 -5.82 -8.38
N THR A 33 13.14 -5.45 -7.29
CA THR A 33 12.80 -6.36 -6.20
C THR A 33 11.29 -6.36 -5.81
N VAL A 34 10.50 -5.47 -6.40
CA VAL A 34 9.07 -5.33 -6.06
C VAL A 34 8.30 -5.08 -7.34
N THR A 35 7.06 -5.62 -7.44
CA THR A 35 6.27 -5.44 -8.63
CA THR A 35 6.25 -5.45 -8.64
C THR A 35 4.81 -5.12 -8.24
N MSE A 36 4.16 -4.42 -9.13
CA MSE A 36 2.77 -4.08 -9.03
C MSE A 36 2.24 -3.92 -10.44
O MSE A 36 3.00 -3.78 -11.39
CB MSE A 36 2.56 -2.79 -8.27
CG MSE A 36 3.63 -1.77 -8.19
SE MSE A 36 3.27 -0.39 -6.82
CE MSE A 36 2.54 -1.40 -5.38
N THR A 37 0.93 -3.89 -10.54
CA THR A 37 0.30 -3.56 -11.84
CA THR A 37 0.26 -3.60 -11.81
C THR A 37 -0.23 -2.15 -11.78
N PHE A 38 -0.01 -1.41 -12.86
CA PHE A 38 -0.59 -0.11 -13.06
C PHE A 38 -1.60 -0.31 -14.18
N GLN A 39 -2.81 0.24 -14.08
CA GLN A 39 -3.76 0.10 -15.15
C GLN A 39 -4.70 1.30 -15.29
N VAL A 40 -5.35 1.38 -16.46
CA VAL A 40 -6.43 2.36 -16.71
C VAL A 40 -7.47 2.31 -15.56
N ASN A 41 -7.83 3.47 -15.03
CA ASN A 41 -8.90 3.61 -14.08
C ASN A 41 -10.22 3.23 -14.70
N THR A 42 -10.87 2.19 -14.19
CA THR A 42 -12.19 1.82 -14.67
C THR A 42 -13.28 2.09 -13.62
N SER A 43 -13.00 2.81 -12.54
CA SER A 43 -14.10 3.15 -11.62
C SER A 43 -15.20 3.96 -12.33
N PRO A 44 -16.36 4.02 -11.70
CA PRO A 44 -17.40 4.94 -12.14
C PRO A 44 -17.03 6.42 -12.12
N PHE A 45 -16.00 6.81 -11.35
CA PHE A 45 -15.56 8.21 -11.33
C PHE A 45 -14.46 8.49 -12.35
N ALA A 46 -14.12 7.50 -13.14
CA ALA A 46 -12.93 7.63 -14.01
C ALA A 46 -13.12 8.79 -14.98
N GLY A 47 -12.06 9.56 -15.17
CA GLY A 47 -12.08 10.67 -16.07
C GLY A 47 -12.51 11.99 -15.46
N MLZ A 48 -13.04 11.98 -14.25
CA MLZ A 48 -13.57 13.19 -13.66
CB MLZ A 48 -14.66 12.83 -12.63
CG MLZ A 48 -15.97 12.19 -13.14
CD MLZ A 48 -16.97 12.19 -11.96
CE MLZ A 48 -18.37 11.57 -12.22
NZ MLZ A 48 -19.31 11.73 -11.09
CM MLZ A 48 -18.89 12.16 -9.75
C MLZ A 48 -12.52 14.06 -12.99
O MLZ A 48 -12.82 15.18 -12.65
N GLU A 49 -11.29 13.58 -12.80
CA GLU A 49 -10.32 14.27 -11.99
C GLU A 49 -8.96 14.46 -12.61
N GLY A 50 -8.57 13.65 -13.57
CA GLY A 50 -7.23 13.75 -14.18
C GLY A 50 -7.35 13.85 -15.70
N MLY A 51 -6.35 14.45 -16.33
CA MLY A 51 -6.38 14.66 -17.76
CB MLY A 51 -5.78 16.04 -18.10
CG MLY A 51 -4.26 16.09 -17.95
CD MLY A 51 -3.79 17.55 -17.96
CE MLY A 51 -2.29 17.62 -18.16
NZ MLY A 51 -1.68 18.86 -17.61
CH1 MLY A 51 -0.57 19.45 -18.32
CH2 MLY A 51 -2.05 19.35 -16.30
C MLY A 51 -5.76 13.55 -18.60
O MLY A 51 -5.99 13.50 -19.79
N PHE A 52 -4.94 12.69 -17.98
CA PHE A 52 -4.23 11.63 -18.70
C PHE A 52 -4.81 10.36 -18.20
N VAL A 53 -5.66 9.75 -19.02
CA VAL A 53 -6.44 8.58 -18.59
C VAL A 53 -6.28 7.29 -19.42
N THR A 54 -5.65 7.38 -20.59
CA THR A 54 -5.72 6.24 -21.54
C THR A 54 -4.55 5.30 -21.30
N SER A 55 -4.70 4.06 -21.73
CA SER A 55 -3.59 3.10 -21.65
C SER A 55 -2.29 3.62 -22.34
N ARG A 56 -2.43 4.29 -23.49
CA ARG A 56 -1.28 4.79 -24.19
C ARG A 56 -0.62 5.96 -23.44
N ASN A 57 -1.40 6.80 -22.78
CA ASN A 57 -0.82 7.83 -21.93
C ASN A 57 0.10 7.12 -20.87
N ILE A 58 -0.41 6.07 -20.24
CA ILE A 58 0.28 5.36 -19.17
C ILE A 58 1.52 4.69 -19.73
N LEU A 59 1.40 3.95 -20.82
CA LEU A 59 2.53 3.30 -21.43
C LEU A 59 3.63 4.27 -21.85
N GLU A 60 3.26 5.35 -22.53
CA GLU A 60 4.23 6.37 -22.96
C GLU A 60 4.95 6.96 -21.73
N ARG A 61 4.21 7.24 -20.67
CA ARG A 61 4.80 7.79 -19.44
C ARG A 61 5.78 6.80 -18.79
N LEU A 62 5.42 5.52 -18.79
CA LEU A 62 6.31 4.48 -18.25
C LEU A 62 7.55 4.31 -19.12
N GLU A 63 7.38 4.39 -20.44
CA GLU A 63 8.49 4.36 -21.38
C GLU A 63 9.41 5.58 -21.24
N LYS A 64 8.85 6.77 -21.08
CA LYS A 64 9.63 7.95 -20.73
C LYS A 64 10.46 7.67 -19.47
N GLU A 65 9.86 7.01 -18.49
CA GLU A 65 10.57 6.78 -17.22
C GLU A 65 11.73 5.82 -17.36
N LEU A 66 11.56 4.76 -18.14
CA LEU A 66 12.63 3.79 -18.42
C LEU A 66 13.87 4.38 -19.08
N VAL A 67 13.71 5.47 -19.82
CA VAL A 67 14.83 6.13 -20.49
C VAL A 67 15.95 6.45 -19.51
N HIS A 68 15.56 6.83 -18.30
CA HIS A 68 16.47 7.36 -17.30
C HIS A 68 16.38 6.68 -15.93
N ASN A 69 15.41 5.79 -15.74
CA ASN A 69 15.23 5.14 -14.44
C ASN A 69 15.65 3.67 -14.50
N VAL A 70 16.85 3.41 -14.05
CA VAL A 70 17.53 2.17 -14.39
C VAL A 70 17.00 0.95 -13.61
N ALA A 71 16.38 1.16 -12.44
CA ALA A 71 15.90 0.01 -11.66
C ALA A 71 14.45 -0.37 -12.02
N LEU A 72 13.82 0.47 -12.85
CA LEU A 72 12.48 0.26 -13.29
C LEU A 72 12.40 -0.76 -14.45
N ARG A 73 11.36 -1.58 -14.41
CA ARG A 73 11.03 -2.47 -15.49
C ARG A 73 9.56 -2.30 -15.77
N VAL A 74 9.20 -2.40 -17.04
CA VAL A 74 7.82 -2.27 -17.43
C VAL A 74 7.53 -3.35 -18.43
N GLU A 75 6.51 -4.13 -18.16
CA GLU A 75 6.11 -5.19 -19.06
C GLU A 75 4.67 -4.95 -19.47
N GLN A 76 4.37 -5.15 -20.75
CA GLN A 76 3.00 -5.18 -21.16
C GLN A 76 2.40 -6.50 -20.69
N THR A 77 1.08 -6.57 -20.69
CA THR A 77 0.36 -7.80 -20.31
C THR A 77 -0.59 -8.18 -21.43
N ASP A 78 -1.40 -9.21 -21.17
CA ASP A 78 -2.42 -9.60 -22.14
C ASP A 78 -3.56 -8.65 -22.17
N ASP A 79 -3.65 -7.76 -21.19
CA ASP A 79 -4.65 -6.71 -21.21
C ASP A 79 -3.96 -5.44 -21.66
N PRO A 80 -4.42 -4.82 -22.78
CA PRO A 80 -3.78 -3.55 -23.22
C PRO A 80 -3.85 -2.40 -22.22
N ASP A 81 -4.75 -2.52 -21.26
CA ASP A 81 -4.96 -1.50 -20.23
C ASP A 81 -4.12 -1.70 -18.96
N LYS A 82 -3.28 -2.73 -18.90
CA LYS A 82 -2.65 -3.11 -17.65
C LYS A 82 -1.15 -3.40 -17.89
N PHE A 83 -0.29 -2.92 -17.00
CA PHE A 83 1.16 -3.02 -17.15
C PHE A 83 1.76 -3.48 -15.86
N ARG A 84 2.71 -4.40 -15.95
CA ARG A 84 3.45 -4.86 -14.78
C ARG A 84 4.69 -3.98 -14.62
N VAL A 85 4.77 -3.26 -13.50
CA VAL A 85 5.78 -2.27 -13.27
C VAL A 85 6.57 -2.74 -12.05
N SER A 86 7.89 -2.87 -12.20
CA SER A 86 8.75 -3.36 -11.13
C SER A 86 9.82 -2.32 -10.86
N GLY A 87 10.28 -2.26 -9.64
CA GLY A 87 11.23 -1.26 -9.25
C GLY A 87 12.06 -1.76 -8.14
N ARG A 88 13.01 -0.93 -7.74
CA ARG A 88 13.98 -1.30 -6.73
C ARG A 88 13.37 -1.62 -5.40
N GLY A 89 12.30 -0.95 -5.04
CA GLY A 89 11.59 -1.17 -3.78
C GLY A 89 10.24 -0.46 -3.90
N GLU A 90 9.41 -0.52 -2.88
CA GLU A 90 8.11 0.12 -2.92
C GLU A 90 8.20 1.62 -3.11
N LEU A 91 9.14 2.27 -2.41
CA LEU A 91 9.24 3.74 -2.46
C LEU A 91 9.55 4.25 -3.86
N HIS A 92 10.42 3.53 -4.55
CA HIS A 92 10.74 3.83 -5.95
C HIS A 92 9.44 3.94 -6.81
N LEU A 93 8.55 2.98 -6.60
CA LEU A 93 7.31 2.91 -7.33
C LEU A 93 6.29 3.92 -6.85
N SER A 94 6.19 4.15 -5.55
CA SER A 94 5.23 5.17 -5.05
C SER A 94 5.64 6.63 -5.42
N ILE A 95 6.96 6.88 -5.53
CA ILE A 95 7.44 8.16 -6.02
C ILE A 95 7.00 8.39 -7.49
N LEU A 96 7.14 7.37 -8.32
CA LEU A 96 6.70 7.43 -9.70
C LEU A 96 5.22 7.68 -9.72
N ILE A 97 4.46 6.95 -8.95
CA ILE A 97 2.98 7.16 -8.98
C ILE A 97 2.58 8.58 -8.56
N GLU A 98 3.24 9.09 -7.53
CA GLU A 98 2.99 10.47 -7.10
C GLU A 98 3.35 11.51 -8.17
N ASN A 99 4.47 11.32 -8.84
CA ASN A 99 4.85 12.21 -9.94
C ASN A 99 3.78 12.18 -11.02
N MSE A 100 3.31 10.98 -11.37
CA MSE A 100 2.27 10.83 -12.39
C MSE A 100 0.97 11.51 -11.96
O MSE A 100 0.35 12.22 -12.78
CB MSE A 100 2.02 9.37 -12.68
CG MSE A 100 3.20 8.75 -13.40
SE MSE A 100 3.04 6.82 -13.82
CE MSE A 100 1.48 6.87 -15.11
N ARG A 101 0.57 11.30 -10.72
CA ARG A 101 -0.64 11.99 -10.20
C ARG A 101 -0.47 13.48 -10.39
N ARG A 102 0.71 14.00 -10.05
CA ARG A 102 0.89 15.46 -10.11
C ARG A 102 0.89 16.02 -11.51
N GLU A 103 1.27 15.21 -12.47
CA GLU A 103 1.31 15.53 -13.85
C GLU A 103 -0.05 15.47 -14.49
N GLY A 104 -1.06 14.93 -13.79
CA GLY A 104 -2.42 14.86 -14.29
C GLY A 104 -2.97 13.46 -14.62
N PHE A 105 -2.27 12.40 -14.20
CA PHE A 105 -2.73 11.03 -14.46
C PHE A 105 -3.83 10.53 -13.50
N GLU A 106 -4.74 9.73 -14.07
CA GLU A 106 -5.56 8.79 -13.32
C GLU A 106 -5.05 7.41 -13.61
N LEU A 107 -4.96 6.60 -12.58
CA LEU A 107 -4.70 5.20 -12.79
C LEU A 107 -5.12 4.39 -11.57
N ALA A 108 -5.06 3.08 -11.69
CA ALA A 108 -5.25 2.21 -10.57
C ALA A 108 -4.06 1.26 -10.43
N VAL A 109 -3.71 0.94 -9.19
CA VAL A 109 -2.55 0.14 -8.87
C VAL A 109 -2.90 -0.99 -7.91
N SER A 110 -2.27 -2.13 -8.11
CA SER A 110 -2.41 -3.30 -7.24
C SER A 110 -1.34 -3.27 -6.12
N ARG A 111 -1.48 -4.16 -5.17
CA ARG A 111 -0.54 -4.18 -4.04
C ARG A 111 0.88 -4.55 -4.51
N PRO A 112 1.87 -3.91 -3.90
CA PRO A 112 3.24 -4.32 -4.15
C PRO A 112 3.50 -5.71 -3.60
N GLU A 113 4.19 -6.49 -4.40
CA GLU A 113 4.69 -7.77 -3.94
C GLU A 113 6.13 -7.94 -4.28
N VAL A 114 6.82 -8.65 -3.41
CA VAL A 114 8.25 -8.84 -3.65
C VAL A 114 8.39 -9.84 -4.80
N ILE A 115 9.43 -9.64 -5.58
CA ILE A 115 9.78 -10.56 -6.68
C ILE A 115 10.51 -11.76 -6.10
N ILE A 116 9.98 -12.92 -6.35
CA ILE A 116 10.58 -14.19 -5.84
C ILE A 116 11.48 -14.69 -6.92
N MLZ A 117 12.68 -15.11 -6.55
CA MLZ A 117 13.65 -15.68 -7.50
CB MLZ A 117 14.90 -14.82 -7.57
CG MLZ A 117 14.68 -13.51 -8.32
CD MLZ A 117 15.93 -12.60 -8.40
CE MLZ A 117 17.23 -13.22 -8.92
NZ MLZ A 117 18.49 -12.57 -8.49
CM MLZ A 117 19.46 -13.27 -7.63
C MLZ A 117 13.96 -17.12 -7.12
O MLZ A 117 13.75 -17.55 -6.00
N GLU A 118 14.49 -17.90 -8.04
CA GLU A 118 14.88 -19.29 -7.72
C GLU A 118 16.35 -19.43 -8.11
N GLU A 119 17.11 -20.08 -7.26
CA GLU A 119 18.49 -20.36 -7.55
C GLU A 119 18.81 -21.75 -7.07
N ASP A 120 19.17 -22.62 -8.02
CA ASP A 120 19.52 -24.02 -7.70
C ASP A 120 18.45 -24.70 -6.86
N GLY A 121 17.20 -24.42 -7.21
CA GLY A 121 16.06 -25.06 -6.59
C GLY A 121 15.60 -24.42 -5.32
N GLN A 122 16.30 -23.41 -4.87
CA GLN A 122 15.94 -22.65 -3.71
C GLN A 122 15.18 -21.37 -4.04
N LEU A 123 14.02 -21.21 -3.45
CA LEU A 123 13.23 -20.01 -3.61
C LEU A 123 13.73 -18.89 -2.70
N MSE A 124 13.84 -17.72 -3.28
CA MSE A 124 14.55 -16.62 -2.69
C MSE A 124 13.77 -15.32 -2.73
O MSE A 124 13.03 -15.13 -3.63
CB MSE A 124 15.90 -16.45 -3.36
CG MSE A 124 16.85 -17.66 -3.22
SE MSE A 124 18.59 -17.11 -3.54
CE MSE A 124 18.37 -16.53 -5.30
N GLU A 125 13.95 -14.48 -1.72
CA GLU A 125 13.31 -13.20 -1.62
C GLU A 125 14.29 -12.06 -1.33
N PRO A 126 13.89 -10.83 -1.61
CA PRO A 126 14.81 -9.75 -1.36
C PRO A 126 14.96 -9.37 0.12
N PHE A 127 16.19 -9.08 0.52
CA PHE A 127 16.50 -8.61 1.86
C PHE A 127 17.18 -7.26 1.79
N GLU A 128 16.90 -6.47 2.81
CA GLU A 128 17.43 -5.12 2.98
C GLU A 128 18.27 -4.99 4.25
N THR A 129 19.26 -4.12 4.17
CA THR A 129 19.99 -3.66 5.36
C THR A 129 19.14 -2.53 5.89
N VAL A 130 18.94 -2.54 7.21
CA VAL A 130 18.07 -1.58 7.89
C VAL A 130 18.86 -1.00 9.04
N THR A 131 18.93 0.33 9.11
CA THR A 131 19.54 1.03 10.22
C THR A 131 18.48 1.81 10.90
N ILE A 132 18.41 1.66 12.20
CA ILE A 132 17.49 2.47 12.97
C ILE A 132 18.22 3.19 14.11
N ASP A 133 17.65 4.31 14.50
CA ASP A 133 18.22 5.07 15.61
C ASP A 133 17.01 5.49 16.45
N VAL A 134 17.00 5.05 17.70
CA VAL A 134 15.84 5.17 18.55
C VAL A 134 16.31 5.51 19.97
N MSE A 135 15.37 5.97 20.77
CA MSE A 135 15.64 6.14 22.17
C MSE A 135 15.74 4.75 22.82
O MSE A 135 15.01 3.82 22.45
CB MSE A 135 14.52 6.95 22.82
CG MSE A 135 14.23 8.26 22.15
SE MSE A 135 12.83 9.24 23.07
CE MSE A 135 11.16 8.48 22.53
N GLU A 136 16.63 4.61 23.81
CA GLU A 136 16.82 3.32 24.51
C GLU A 136 15.50 2.69 24.97
N GLU A 137 14.58 3.56 25.41
CA GLU A 137 13.28 3.13 25.94
C GLU A 137 12.41 2.42 24.89
N HIS A 138 12.68 2.65 23.61
CA HIS A 138 11.89 2.04 22.51
C HIS A 138 12.54 0.79 21.97
N GLN A 139 13.76 0.49 22.43
CA GLN A 139 14.57 -0.62 21.84
C GLN A 139 13.85 -1.97 21.89
N GLY A 140 13.32 -2.30 23.05
CA GLY A 140 12.66 -3.58 23.28
C GLY A 140 11.47 -3.80 22.36
N GLY A 141 10.62 -2.79 22.27
CA GLY A 141 9.45 -2.87 21.42
C GLY A 141 9.77 -2.97 19.94
N ILE A 142 10.80 -2.22 19.52
CA ILE A 142 11.23 -2.31 18.13
C ILE A 142 11.80 -3.68 17.78
N MSE A 143 12.63 -4.20 18.65
CA MSE A 143 13.20 -5.52 18.44
C MSE A 143 12.13 -6.58 18.34
O MSE A 143 12.20 -7.47 17.49
CB MSE A 143 14.17 -5.89 19.59
CG MSE A 143 15.48 -5.11 19.49
SE MSE A 143 16.67 -5.50 20.96
CE MSE A 143 15.69 -5.21 22.59
N GLU A 144 11.13 -6.49 19.22
CA GLU A 144 10.03 -7.43 19.16
C GLU A 144 9.28 -7.40 17.79
N ASN A 145 8.93 -6.20 17.33
CA ASN A 145 8.23 -6.01 16.06
C ASN A 145 9.07 -6.49 14.88
N ILE A 146 10.33 -6.09 14.86
CA ILE A 146 11.28 -6.56 13.83
C ILE A 146 11.41 -8.09 13.78
N GLY A 147 11.48 -8.76 14.95
CA GLY A 147 11.53 -10.22 15.00
C GLY A 147 10.27 -10.87 14.44
N LEU A 148 9.12 -10.29 14.71
CA LEU A 148 7.89 -10.73 14.05
C LEU A 148 7.88 -10.52 12.52
N ARG A 149 8.66 -9.58 12.04
CA ARG A 149 8.77 -9.35 10.63
C ARG A 149 9.98 -10.06 9.99
N MLY A 150 10.48 -11.11 10.66
CA MLY A 150 11.57 -11.97 10.20
CB MLY A 150 11.24 -12.65 8.85
CG MLY A 150 10.09 -13.61 9.00
CD MLY A 150 10.31 -14.70 10.05
CE MLY A 150 9.30 -15.81 9.84
NZ MLY A 150 9.76 -16.93 10.68
CH1 MLY A 150 9.20 -17.09 12.00
CH2 MLY A 150 10.81 -17.82 10.18
C MLY A 150 12.88 -11.26 10.11
O MLY A 150 13.77 -11.64 9.33
N GLY A 151 13.05 -10.22 10.92
CA GLY A 151 14.28 -9.46 10.91
C GLY A 151 15.31 -10.08 11.79
N GLU A 152 16.57 -9.76 11.54
CA GLU A 152 17.70 -10.27 12.37
C GLU A 152 18.62 -9.12 12.75
N LEU A 153 18.99 -9.01 14.02
CA LEU A 153 19.91 -7.97 14.51
C LEU A 153 21.36 -8.31 14.14
N MLY A 154 22.11 -7.40 13.53
CA MLY A 154 23.50 -7.66 13.16
CB MLY A 154 23.81 -7.32 11.70
CG MLY A 154 22.81 -7.97 10.72
CD MLY A 154 22.71 -9.49 10.81
CE MLY A 154 23.97 -10.13 10.30
NZ MLY A 154 23.74 -11.57 10.10
CH1 MLY A 154 24.90 -12.41 10.00
CH2 MLY A 154 22.38 -12.14 9.97
C MLY A 154 24.48 -6.88 13.98
O MLY A 154 25.57 -7.36 14.26
N ASP A 155 24.15 -5.63 14.32
CA ASP A 155 25.08 -4.80 15.12
C ASP A 155 24.30 -3.69 15.81
N MSE A 156 24.92 -3.12 16.83
CA MSE A 156 24.31 -2.03 17.58
C MSE A 156 25.37 -1.17 18.22
O MSE A 156 26.50 -1.60 18.38
CB MSE A 156 23.36 -2.59 18.63
CG MSE A 156 23.90 -2.99 19.86
SE MSE A 156 22.36 -3.50 20.97
CE MSE A 156 22.01 -1.80 21.74
N ALA A 157 25.00 0.07 18.53
CA ALA A 157 25.89 1.03 19.19
C ALA A 157 25.08 2.07 19.98
N PRO A 158 25.16 2.01 21.32
CA PRO A 158 24.53 3.11 22.05
C PRO A 158 25.41 4.34 21.92
N ASP A 159 24.81 5.52 21.98
CA ASP A 159 25.59 6.76 21.91
C ASP A 159 26.03 7.26 23.29
N GLY A 160 25.57 6.61 24.35
CA GLY A 160 25.88 6.99 25.73
C GLY A 160 25.08 8.19 26.19
N LYS A 161 24.18 8.67 25.33
CA LYS A 161 23.38 9.84 25.63
C LYS A 161 21.88 9.51 25.67
N GLY A 162 21.51 8.23 25.63
CA GLY A 162 20.10 7.81 25.64
C GLY A 162 19.55 7.27 24.34
N ARG A 163 20.36 7.27 23.29
CA ARG A 163 19.92 6.66 22.04
C ARG A 163 20.83 5.53 21.64
N VAL A 164 20.33 4.74 20.71
CA VAL A 164 21.00 3.56 20.25
C VAL A 164 20.80 3.42 18.73
N ARG A 165 21.86 3.08 18.02
CA ARG A 165 21.78 2.74 16.60
C ARG A 165 21.88 1.25 16.48
N MSE A 166 21.01 0.68 15.64
CA MSE A 166 21.01 -0.75 15.43
C MSE A 166 20.90 -1.04 13.95
O MSE A 166 20.19 -0.33 13.21
CB MSE A 166 19.84 -1.36 16.16
CG MSE A 166 19.71 -0.91 17.65
SE MSE A 166 18.15 -1.77 18.45
CE MSE A 166 16.71 -0.57 18.02
N ASP A 167 21.59 -2.10 13.54
CA ASP A 167 21.63 -2.53 12.17
C ASP A 167 20.95 -3.93 12.10
N PHE A 168 20.02 -4.06 11.19
CA PHE A 168 19.29 -5.30 10.99
C PHE A 168 19.36 -5.72 9.50
N ILE A 169 19.11 -7.01 9.27
CA ILE A 169 18.73 -7.51 7.95
C ILE A 169 17.25 -7.92 8.04
N MSE A 170 16.43 -7.51 7.08
CA MSE A 170 14.98 -7.78 7.07
C MSE A 170 14.59 -8.07 5.62
O MSE A 170 15.09 -7.41 4.76
CB MSE A 170 14.16 -6.56 7.51
CG MSE A 170 14.36 -6.16 8.95
SE MSE A 170 13.33 -4.63 9.50
CE MSE A 170 11.56 -5.43 9.24
N PRO A 171 13.70 -9.04 5.39
CA PRO A 171 13.16 -9.19 4.05
C PRO A 171 12.38 -7.91 3.70
N SER A 172 12.45 -7.50 2.46
CA SER A 172 11.62 -6.43 1.99
C SER A 172 10.12 -6.69 2.31
N ARG A 173 9.70 -7.95 2.28
CA ARG A 173 8.32 -8.34 2.55
C ARG A 173 7.91 -7.95 3.96
N GLY A 174 8.85 -8.00 4.88
CA GLY A 174 8.60 -7.63 6.26
C GLY A 174 8.76 -6.15 6.52
N LEU A 175 9.35 -5.41 5.59
CA LEU A 175 9.40 -3.95 5.63
C LEU A 175 8.11 -3.33 5.20
N ILE A 176 7.28 -4.03 4.46
CA ILE A 176 6.00 -3.46 4.07
C ILE A 176 5.19 -3.14 5.33
N GLY A 177 4.76 -1.88 5.48
CA GLY A 177 3.99 -1.44 6.64
C GLY A 177 4.84 -1.06 7.84
N PHE A 178 6.14 -1.37 7.82
CA PHE A 178 6.96 -1.13 8.99
C PHE A 178 7.12 0.33 9.35
N GLN A 179 7.33 1.19 8.36
CA GLN A 179 7.59 2.57 8.65
C GLN A 179 6.48 3.15 9.55
N THR A 180 5.22 2.90 9.22
CA THR A 180 4.13 3.41 10.04
C THR A 180 4.18 2.86 11.47
N GLU A 181 4.42 1.56 11.63
CA GLU A 181 4.46 0.97 12.99
C GLU A 181 5.63 1.50 13.81
N PHE A 182 6.79 1.61 13.15
CA PHE A 182 8.00 2.21 13.77
C PHE A 182 7.69 3.63 14.30
N MSE A 183 7.03 4.45 13.49
CA MSE A 183 6.69 5.79 13.96
C MSE A 183 5.75 5.72 15.17
O MSE A 183 5.93 6.47 16.13
CB MSE A 183 6.09 6.65 12.84
CG MSE A 183 7.13 7.12 11.81
SE MSE A 183 8.79 7.81 12.61
CE MSE A 183 9.86 8.32 11.03
N THR A 184 4.76 4.81 15.18
CA THR A 184 3.89 4.65 16.35
C THR A 184 4.69 4.22 17.60
N LEU A 185 5.44 3.13 17.45
CA LEU A 185 6.27 2.56 18.50
C LEU A 185 7.39 3.47 19.03
N THR A 186 7.76 4.55 18.30
CA THR A 186 8.78 5.49 18.78
C THR A 186 8.20 6.86 19.07
N SER A 187 6.87 6.97 18.96
CA SER A 187 6.18 8.25 19.07
C SER A 187 6.78 9.30 18.13
N GLY A 188 7.10 8.91 16.92
CA GLY A 188 7.66 9.84 15.94
C GLY A 188 9.12 10.23 16.13
N SER A 189 9.79 9.71 17.19
CA SER A 189 11.18 10.08 17.51
C SER A 189 12.26 9.20 16.87
N GLY A 190 11.90 8.14 16.17
CA GLY A 190 12.89 7.21 15.68
C GLY A 190 13.29 7.58 14.27
N LEU A 191 14.48 7.14 13.87
CA LEU A 191 14.96 7.32 12.50
C LEU A 191 15.16 5.94 11.86
N LEU A 192 14.77 5.79 10.61
CA LEU A 192 14.81 4.51 9.94
C LEU A 192 15.39 4.72 8.54
N TYR A 193 16.30 3.86 8.14
CA TYR A 193 16.88 3.92 6.81
C TYR A 193 17.01 2.47 6.34
N HIS A 194 16.71 2.20 5.08
CA HIS A 194 16.86 0.84 4.54
C HIS A 194 17.08 0.84 3.05
N THR A 195 17.83 -0.18 2.62
CA THR A 195 18.07 -0.34 1.21
C THR A 195 18.33 -1.79 0.91
N PHE A 196 18.05 -2.18 -0.35
CA PHE A 196 18.28 -3.52 -0.80
C PHE A 196 19.70 -3.98 -0.57
N ASP A 197 19.86 -5.22 -0.13
CA ASP A 197 21.19 -5.82 0.06
C ASP A 197 21.43 -7.12 -0.75
N HIS A 198 20.53 -8.09 -0.64
CA HIS A 198 20.77 -9.39 -1.29
C HIS A 198 19.48 -10.16 -1.37
N TYR A 199 19.46 -11.16 -2.24
CA TYR A 199 18.45 -12.19 -2.28
C TYR A 199 18.91 -13.33 -1.39
N GLY A 200 17.97 -13.93 -0.69
CA GLY A 200 18.32 -15.07 0.13
C GLY A 200 17.12 -15.97 0.34
N PRO A 201 17.33 -17.11 0.97
CA PRO A 201 16.18 -18.01 1.18
C PRO A 201 14.94 -17.34 1.83
N HIS A 202 13.78 -17.66 1.25
CA HIS A 202 12.49 -17.16 1.69
C HIS A 202 12.29 -17.60 3.15
N MLY A 203 11.88 -16.63 3.98
CA MLY A 203 11.73 -16.84 5.41
CB MLY A 203 11.94 -15.45 6.09
CG MLY A 203 13.37 -14.92 5.92
CD MLY A 203 14.33 -15.64 6.84
CE MLY A 203 15.05 -14.70 7.82
NZ MLY A 203 15.55 -15.48 8.94
CH1 MLY A 203 16.25 -16.75 8.69
CH2 MLY A 203 15.29 -15.02 10.32
C MLY A 203 10.41 -17.41 5.83
O MLY A 203 10.24 -17.85 6.97
N GLY A 204 9.41 -17.36 4.97
CA GLY A 204 8.07 -17.76 5.35
C GLY A 204 7.51 -16.75 6.33
N GLY A 205 6.49 -17.15 7.07
CA GLY A 205 5.91 -16.24 8.04
C GLY A 205 4.80 -15.42 7.41
N ASN A 206 3.68 -15.31 8.11
CA ASN A 206 2.54 -14.57 7.63
C ASN A 206 2.80 -13.13 8.11
N ILE A 207 3.67 -12.41 7.42
CA ILE A 207 4.06 -11.08 7.85
C ILE A 207 3.34 -10.00 7.04
N GLY A 208 3.02 -10.29 5.77
CA GLY A 208 2.32 -9.32 4.92
C GLY A 208 0.79 -9.29 5.00
N GLN A 209 0.23 -8.80 6.10
CA GLN A 209 -1.18 -9.07 6.31
C GLN A 209 -1.89 -8.14 7.29
N ARG A 210 -2.98 -7.54 6.82
CA ARG A 210 -3.88 -6.84 7.73
C ARG A 210 -4.88 -7.82 8.32
N VAL A 211 -5.38 -7.48 9.48
CA VAL A 211 -6.21 -8.40 10.24
C VAL A 211 -7.66 -7.91 10.31
N ASN A 212 -7.92 -6.79 9.64
CA ASN A 212 -9.22 -6.17 9.64
C ASN A 212 -9.78 -6.21 8.24
N GLY A 213 -11.09 -6.36 8.14
CA GLY A 213 -11.75 -6.30 6.85
C GLY A 213 -12.08 -4.86 6.49
N VAL A 214 -12.83 -4.69 5.43
CA VAL A 214 -13.25 -3.38 4.97
C VAL A 214 -14.76 -3.22 4.92
N LEU A 215 -15.16 -1.96 4.98
CA LEU A 215 -16.54 -1.52 4.77
C LEU A 215 -16.62 -1.04 3.33
N ILE A 216 -17.61 -1.52 2.59
CA ILE A 216 -17.70 -1.36 1.12
C ILE A 216 -19.04 -0.78 0.80
N ALA A 217 -19.04 0.34 0.07
CA ALA A 217 -20.29 0.97 -0.33
C ALA A 217 -21.12 0.07 -1.26
N ASN A 218 -22.45 0.05 -1.09
CA ASN A 218 -23.33 -0.86 -1.86
C ASN A 218 -24.05 -0.17 -3.02
N ALA A 219 -23.78 1.11 -3.20
CA ALA A 219 -24.55 1.99 -4.12
C ALA A 219 -23.91 3.36 -4.17
N ALA A 220 -24.11 4.03 -5.28
CA ALA A 220 -23.50 5.33 -5.56
C ALA A 220 -24.35 6.51 -5.10
N GLY A 221 -23.72 7.52 -4.51
CA GLY A 221 -24.41 8.76 -4.13
C GLY A 221 -23.54 9.46 -3.14
N LYS A 222 -24.07 10.52 -2.53
CA LYS A 222 -23.35 11.31 -1.57
C LYS A 222 -23.56 10.70 -0.22
N ALA A 223 -22.48 10.53 0.51
CA ALA A 223 -22.59 9.86 1.79
C ALA A 223 -23.27 10.81 2.76
N LEU A 224 -24.06 10.27 3.67
CA LEU A 224 -24.76 11.12 4.59
C LEU A 224 -24.41 10.83 6.01
N THR A 225 -24.49 11.86 6.84
CA THR A 225 -24.12 11.79 8.25
C THR A 225 -24.89 10.69 8.97
N ASN A 226 -26.19 10.58 8.74
CA ASN A 226 -26.96 9.60 9.48
C ASN A 226 -26.47 8.16 9.26
N ALA A 227 -26.18 7.84 8.00
CA ALA A 227 -25.64 6.55 7.61
C ALA A 227 -24.24 6.34 8.19
N LEU A 228 -23.40 7.38 8.14
CA LEU A 228 -22.02 7.25 8.58
C LEU A 228 -21.92 7.24 10.11
N PHE A 229 -22.82 7.95 10.78
CA PHE A 229 -22.89 7.95 12.25
C PHE A 229 -23.12 6.56 12.79
N ASN A 230 -23.94 5.78 12.11
CA ASN A 230 -24.11 4.38 12.49
C ASN A 230 -22.90 3.48 12.11
N LEU A 231 -22.38 3.66 10.91
CA LEU A 231 -21.24 2.87 10.41
C LEU A 231 -19.95 3.08 11.21
N GLN A 232 -19.72 4.31 11.68
CA GLN A 232 -18.50 4.60 12.48
C GLN A 232 -18.46 3.78 13.75
N GLU A 233 -19.58 3.14 14.11
CA GLU A 233 -19.65 2.19 15.20
C GLU A 233 -19.07 0.84 14.85
N ARG A 234 -19.04 0.50 13.57
CA ARG A 234 -18.50 -0.79 13.11
C ARG A 234 -17.00 -0.78 12.81
N GLY A 235 -16.32 0.34 12.99
CA GLY A 235 -14.96 0.50 12.46
C GLY A 235 -14.63 1.96 12.22
N ARG A 236 -13.54 2.23 11.54
CA ARG A 236 -13.05 3.57 11.29
C ARG A 236 -13.33 3.92 9.84
N LEU A 237 -13.82 5.13 9.61
CA LEU A 237 -14.22 5.55 8.27
C LEU A 237 -13.09 6.30 7.59
N PHE A 238 -13.08 6.22 6.26
CA PHE A 238 -12.19 6.94 5.39
C PHE A 238 -12.86 8.21 4.81
N ILE A 239 -14.17 8.34 5.01
CA ILE A 239 -14.97 9.40 4.41
C ILE A 239 -15.87 10.09 5.44
N GLY A 240 -16.32 11.29 5.08
CA GLY A 240 -17.24 12.04 5.85
C GLY A 240 -18.47 12.41 5.07
N HIS A 241 -19.29 13.27 5.68
CA HIS A 241 -20.55 13.68 5.08
C HIS A 241 -20.33 14.33 3.73
N GLY A 242 -21.10 13.87 2.74
CA GLY A 242 -21.13 14.51 1.45
C GLY A 242 -20.12 14.00 0.46
N VAL A 243 -19.27 13.08 0.89
CA VAL A 243 -18.33 12.47 -0.05
C VAL A 243 -19.10 11.58 -1.00
N GLU A 244 -18.81 11.74 -2.32
CA GLU A 244 -19.41 10.93 -3.37
C GLU A 244 -18.78 9.55 -3.31
N VAL A 245 -19.61 8.51 -3.21
CA VAL A 245 -19.18 7.15 -3.25
C VAL A 245 -19.78 6.42 -4.43
N TYR A 246 -19.19 5.28 -4.74
CA TYR A 246 -19.67 4.38 -5.76
C TYR A 246 -19.72 2.93 -5.18
N GLU A 247 -20.59 2.09 -5.75
CA GLU A 247 -20.68 0.67 -5.38
C GLU A 247 -19.31 0.01 -5.57
N GLY A 248 -18.76 -0.55 -4.50
CA GLY A 248 -17.48 -1.24 -4.55
C GLY A 248 -16.32 -0.44 -4.01
N MSE A 249 -16.59 0.82 -3.70
CA MSE A 249 -15.60 1.71 -3.11
C MSE A 249 -15.46 1.35 -1.66
O MSE A 249 -16.47 1.15 -0.94
CB MSE A 249 -16.03 3.15 -3.25
CG MSE A 249 -15.00 4.13 -2.71
SE MSE A 249 -15.49 5.96 -3.12
CE MSE A 249 -14.79 6.82 -1.50
N VAL A 250 -14.22 1.27 -1.22
CA VAL A 250 -13.95 1.00 0.19
C VAL A 250 -14.02 2.28 0.99
N ILE A 251 -14.88 2.29 2.00
CA ILE A 251 -15.13 3.52 2.76
C ILE A 251 -14.71 3.47 4.20
N GLY A 252 -14.12 2.35 4.62
CA GLY A 252 -13.63 2.30 5.96
C GLY A 252 -13.04 0.94 6.28
N ILE A 253 -12.49 0.84 7.50
CA ILE A 253 -11.88 -0.38 7.98
C ILE A 253 -12.87 -1.00 8.99
N HIS A 254 -13.17 -2.28 8.79
CA HIS A 254 -14.03 -3.03 9.73
C HIS A 254 -13.24 -3.43 10.99
N SER A 255 -13.87 -3.32 12.15
CA SER A 255 -13.23 -3.70 13.41
C SER A 255 -13.05 -5.21 13.51
N ARG A 256 -13.75 -5.96 12.68
CA ARG A 256 -13.62 -7.42 12.60
C ARG A 256 -12.89 -7.77 11.33
N ASP A 257 -12.60 -9.05 11.13
CA ASP A 257 -11.79 -9.45 9.99
C ASP A 257 -12.54 -9.69 8.70
N ASN A 258 -13.86 -9.71 8.72
CA ASN A 258 -14.66 -9.88 7.49
C ASN A 258 -15.02 -8.53 6.83
N ASP A 259 -15.32 -8.57 5.53
CA ASP A 259 -15.82 -7.40 4.79
C ASP A 259 -17.32 -7.22 4.93
N LEU A 260 -17.75 -5.98 5.12
CA LEU A 260 -19.15 -5.65 5.22
C LEU A 260 -19.49 -4.76 4.05
N THR A 261 -20.57 -5.08 3.36
CA THR A 261 -21.13 -4.23 2.32
C THR A 261 -22.32 -3.45 2.86
N VAL A 262 -22.21 -2.12 2.82
CA VAL A 262 -22.99 -1.25 3.65
C VAL A 262 -23.59 -0.10 2.86
N ASN A 263 -24.66 0.46 3.37
CA ASN A 263 -25.26 1.64 2.80
C ASN A 263 -24.74 2.94 3.46
N ALA A 264 -24.02 3.73 2.67
CA ALA A 264 -23.52 5.05 3.08
C ALA A 264 -24.50 6.18 2.84
N LEU A 265 -25.57 5.80 2.32
CA LEU A 265 -26.41 6.83 1.73
C LEU A 265 -27.63 7.11 2.58
N LYS A 266 -27.98 6.33 3.57
CA LYS A 266 -29.22 6.59 4.26
C LYS A 266 -29.22 7.73 5.28
N ALA A 281 -27.77 15.45 18.08
CA ALA A 281 -26.39 15.56 17.61
C ALA A 281 -25.86 14.23 17.04
N GLN A 282 -25.20 14.32 15.88
CA GLN A 282 -24.57 13.18 15.24
C GLN A 282 -23.15 13.59 14.85
N VAL A 283 -22.28 13.62 15.85
CA VAL A 283 -20.90 14.04 15.65
C VAL A 283 -20.17 12.86 15.01
N LEU A 284 -19.62 13.08 13.84
CA LEU A 284 -18.75 12.09 13.20
C LEU A 284 -17.30 12.28 13.65
N THR A 285 -16.68 11.18 14.07
CA THR A 285 -15.26 11.11 14.34
C THR A 285 -14.49 11.45 13.05
N PRO A 286 -13.43 12.30 13.14
CA PRO A 286 -12.64 12.56 11.90
C PRO A 286 -12.19 11.29 11.22
N PRO A 287 -12.36 11.17 9.89
CA PRO A 287 -11.96 9.95 9.20
C PRO A 287 -10.41 9.64 9.10
N ILE A 288 -10.04 8.39 8.84
CA ILE A 288 -8.62 8.01 8.58
C ILE A 288 -8.29 8.53 7.19
N VAL A 289 -7.26 9.34 7.04
CA VAL A 289 -6.69 9.65 5.70
C VAL A 289 -5.34 8.96 5.54
N MSE A 290 -5.22 8.02 4.60
CA MSE A 290 -3.93 7.27 4.45
C MSE A 290 -3.03 7.98 3.42
O MSE A 290 -3.54 8.62 2.48
CB MSE A 290 -4.18 5.79 4.06
CG MSE A 290 -5.14 4.94 5.06
SE MSE A 290 -4.95 3.13 4.27
CE MSE A 290 -5.91 2.14 5.61
N THR A 291 -1.69 7.92 3.60
CA THR A 291 -0.76 8.35 2.58
C THR A 291 -0.93 7.37 1.38
N LEU A 292 -0.45 7.74 0.17
CA LEU A 292 -0.47 6.82 -0.97
C LEU A 292 0.24 5.57 -0.53
N GLU A 293 1.37 5.75 0.15
CA GLU A 293 2.16 4.59 0.55
C GLU A 293 1.37 3.67 1.52
N GLN A 294 0.68 4.26 2.45
CA GLN A 294 -0.17 3.52 3.37
C GLN A 294 -1.32 2.80 2.69
N ALA A 295 -1.98 3.49 1.76
CA ALA A 295 -2.95 2.82 0.87
C ALA A 295 -2.36 1.59 0.18
N LEU A 296 -1.21 1.75 -0.48
CA LEU A 296 -0.50 0.64 -1.17
C LEU A 296 -0.15 -0.53 -0.19
N GLU A 297 0.20 -0.17 1.03
CA GLU A 297 0.54 -1.13 2.07
C GLU A 297 -0.69 -1.78 2.74
N PHE A 298 -1.86 -1.15 2.63
CA PHE A 298 -3.08 -1.65 3.23
C PHE A 298 -3.81 -2.68 2.34
N ILE A 299 -3.93 -2.40 1.05
CA ILE A 299 -4.75 -3.22 0.11
C ILE A 299 -4.30 -4.70 -0.05
N ASP A 300 -5.32 -5.55 -0.16
CA ASP A 300 -5.23 -6.97 -0.35
C ASP A 300 -5.22 -7.19 -1.83
N ASP A 301 -5.18 -8.46 -2.18
CA ASP A 301 -5.11 -8.89 -3.57
C ASP A 301 -6.38 -8.68 -4.37
N ASP A 302 -7.50 -8.53 -3.66
CA ASP A 302 -8.80 -8.35 -4.29
C ASP A 302 -9.17 -6.87 -4.39
N GLU A 303 -8.19 -6.00 -4.23
CA GLU A 303 -8.40 -4.56 -4.17
C GLU A 303 -7.43 -3.84 -5.11
N LEU A 304 -7.74 -2.57 -5.33
CA LEU A 304 -6.93 -1.59 -6.00
C LEU A 304 -6.89 -0.25 -5.27
N VAL A 305 -5.82 0.49 -5.49
CA VAL A 305 -5.79 1.91 -5.10
C VAL A 305 -6.05 2.69 -6.37
N GLU A 306 -7.11 3.50 -6.37
CA GLU A 306 -7.46 4.38 -7.48
C GLU A 306 -6.83 5.75 -7.19
N VAL A 307 -5.99 6.21 -8.12
CA VAL A 307 -5.28 7.48 -7.96
C VAL A 307 -5.55 8.47 -9.06
N THR A 308 -5.74 9.69 -8.62
CA THR A 308 -6.01 10.83 -9.48
C THR A 308 -5.20 12.02 -8.95
N PRO A 309 -5.12 13.09 -9.73
CA PRO A 309 -4.38 14.23 -9.20
C PRO A 309 -5.03 14.81 -7.95
N GLU A 310 -6.31 14.54 -7.74
CA GLU A 310 -7.07 15.07 -6.63
C GLU A 310 -7.28 14.11 -5.45
N SER A 311 -7.21 12.79 -5.66
CA SER A 311 -7.80 11.82 -4.76
C SER A 311 -7.00 10.52 -4.69
N ILE A 312 -7.13 9.83 -3.57
CA ILE A 312 -6.72 8.44 -3.41
C ILE A 312 -7.97 7.72 -2.92
N ARG A 313 -8.45 6.74 -3.66
CA ARG A 313 -9.59 5.96 -3.23
C ARG A 313 -9.17 4.50 -3.21
N ILE A 314 -9.70 3.71 -2.30
CA ILE A 314 -9.52 2.25 -2.35
C ILE A 314 -10.85 1.66 -2.86
N ARG A 315 -10.74 0.62 -3.68
CA ARG A 315 -11.89 -0.11 -4.20
C ARG A 315 -11.64 -1.59 -4.27
N LYS A 316 -12.73 -2.35 -4.28
CA LYS A 316 -12.60 -3.76 -4.63
C LYS A 316 -12.38 -3.89 -6.13
N MLY A 317 -11.66 -4.91 -6.55
CA MLY A 317 -11.55 -5.23 -7.97
CB MLY A 317 -10.65 -6.44 -8.20
CG MLY A 317 -9.16 -6.09 -8.06
CD MLY A 317 -8.27 -7.30 -8.26
CE MLY A 317 -6.82 -6.90 -8.07
NZ MLY A 317 -5.87 -7.97 -8.40
CH1 MLY A 317 -6.11 -8.87 -9.52
CH2 MLY A 317 -4.52 -7.98 -7.79
C MLY A 317 -12.92 -5.54 -8.60
O MLY A 317 -13.19 -5.12 -9.74
N PHE A 318 -13.73 -6.32 -7.89
CA PHE A 318 -15.13 -6.60 -8.34
C PHE A 318 -16.06 -5.69 -7.56
N LEU A 319 -16.70 -4.78 -8.30
CA LEU A 319 -17.49 -3.69 -7.69
C LEU A 319 -18.81 -4.13 -7.01
N THR A 320 -19.48 -5.17 -7.48
CA THR A 320 -20.73 -5.59 -6.86
C THR A 320 -20.53 -6.76 -5.89
N GLU A 321 -21.36 -6.78 -4.85
CA GLU A 321 -21.27 -7.85 -3.82
C GLU A 321 -21.44 -9.22 -4.46
N SER A 322 -22.41 -9.35 -5.37
CA SER A 322 -22.67 -10.63 -6.02
C SER A 322 -21.48 -11.13 -6.85
N ASP A 323 -20.79 -10.24 -7.55
CA ASP A 323 -19.54 -10.61 -8.25
C ASP A 323 -18.41 -10.99 -7.31
N ARG A 324 -18.32 -10.35 -6.14
CA ARG A 324 -17.30 -10.74 -5.14
C ARG A 324 -17.62 -12.10 -4.53
N MLY A 325 -18.91 -12.37 -4.30
CA MLY A 325 -19.35 -13.70 -3.84
CB MLY A 325 -20.84 -13.76 -3.57
CG MLY A 325 -21.22 -12.74 -2.48
CD MLY A 325 -22.38 -13.07 -1.52
CE MLY A 325 -23.79 -12.87 -2.06
NZ MLY A 325 -24.50 -11.82 -1.32
CH1 MLY A 325 -25.15 -10.76 -2.12
CH2 MLY A 325 -24.60 -11.83 0.15
C MLY A 325 -19.02 -14.78 -4.81
O MLY A 325 -18.57 -15.86 -4.42
N ARG A 326 -19.33 -14.54 -6.09
CA ARG A 326 -19.05 -15.50 -7.18
C ARG A 326 -17.54 -15.73 -7.35
N ALA A 327 -16.76 -14.66 -7.30
CA ALA A 327 -15.31 -14.76 -7.32
C ALA A 327 -14.71 -15.54 -6.13
N SER A 328 -15.23 -15.40 -4.90
CA SER A 328 -14.58 -16.05 -3.72
C SER A 328 -14.54 -17.59 -3.78
C1 EDO B . 9.40 -2.23 1.44
O1 EDO B . 8.91 -0.98 1.94
C2 EDO B . 10.75 -2.03 0.75
O2 EDO B . 10.60 -2.24 -0.68
C1 EDO C . 1.19 11.26 -21.56
O1 EDO C . 2.11 10.21 -21.27
C2 EDO C . 1.18 11.45 -23.08
O2 EDO C . 0.66 10.34 -23.80
S SO4 D . -5.30 17.74 -14.24
O1 SO4 D . -5.33 16.51 -14.90
O2 SO4 D . -4.80 18.88 -14.99
O3 SO4 D . -6.69 18.00 -13.91
O4 SO4 D . -4.45 17.63 -13.02
#